data_9FEG
#
_entry.id   9FEG
#
_cell.length_a   45.263
_cell.length_b   68.460
_cell.length_c   159.596
_cell.angle_alpha   90.000
_cell.angle_beta   90.000
_cell.angle_gamma   90.000
#
_symmetry.space_group_name_H-M   'P 21 21 21'
#
loop_
_entity.id
_entity.type
_entity.pdbx_description
1 polymer 'Protein mono-ADP-ribosyltransferase PARP15'
2 non-polymer 'DIMETHYL SULFOXIDE'
3 non-polymer (4S)-2-METHYL-2,4-PENTANEDIOL
4 non-polymer (2~{R})-~{N}-[2-(4-~{tert}-butylphenyl)-4-oxidanylidene-3~{H}-quinazolin-8-yl]-2,3-bis(oxidanyl)propanamide
5 water water
#
_entity_poly.entity_id   1
_entity_poly.type   'polypeptide(L)'
_entity_poly.pdbx_seq_one_letter_code
;SMNLPEHWTDMNHQLFCMVQLEPGQSEYNTIKDKFTRTCSSYAIEKIERIQNAFLWQSYQVKKRQMDIKNDHKNNERLLF
HGTDADSVPYVNQHGFNRSCAGKNAVSYGKGTYFAVDASYSAKDTYSKPDSNGRKHMYVVRVLTGVFTKGRAGLVTPPPK
NPHNPTDLFDSVTNNTRSPKLFVVFFDNQAYPEYLITFTA
;
_entity_poly.pdbx_strand_id   B,A
#
loop_
_chem_comp.id
_chem_comp.type
_chem_comp.name
_chem_comp.formula
A1H44 non-polymer (2~{R})-~{N}-[2-(4-~{tert}-butylphenyl)-4-oxidanylidene-3~{H}-quinazolin-8-yl]-2,3-bis(oxidanyl)propanamide 'C21 H23 N3 O4'
DMS non-polymer 'DIMETHYL SULFOXIDE' 'C2 H6 O S'
MPD non-polymer (4S)-2-METHYL-2,4-PENTANEDIOL 'C6 H14 O2'
#
# COMPACT_ATOMS: atom_id res chain seq x y z
N ASN A 3 4.31 11.57 14.54
CA ASN A 3 5.38 12.38 15.11
C ASN A 3 6.74 11.73 14.86
N LEU A 4 7.71 12.52 14.39
CA LEU A 4 9.02 11.95 14.07
C LEU A 4 9.79 11.68 15.36
N PRO A 5 10.50 10.55 15.46
CA PRO A 5 11.22 10.24 16.69
C PRO A 5 12.23 11.31 17.08
N GLU A 6 12.28 11.59 18.39
CA GLU A 6 13.10 12.69 18.87
C GLU A 6 14.60 12.43 18.78
N HIS A 7 15.01 11.17 18.65
CA HIS A 7 16.43 10.88 18.51
C HIS A 7 16.92 11.02 17.07
N TRP A 8 16.03 11.25 16.10
CA TRP A 8 16.48 11.44 14.74
C TRP A 8 17.24 12.76 14.63
N THR A 9 18.16 12.83 13.68
CA THR A 9 18.81 14.10 13.38
C THR A 9 17.80 15.10 12.83
N ASP A 10 18.03 16.38 13.11
CA ASP A 10 17.25 17.42 12.48
C ASP A 10 17.50 17.38 10.99
N MET A 11 16.43 17.44 10.21
CA MET A 11 16.54 17.31 8.76
C MET A 11 16.30 18.63 8.03
N ASN A 12 16.26 19.75 8.75
CA ASN A 12 16.21 21.07 8.15
C ASN A 12 15.03 21.18 7.18
N HIS A 13 13.87 20.71 7.64
CA HIS A 13 12.62 20.70 6.89
C HIS A 13 12.63 19.70 5.72
N GLN A 14 13.74 19.00 5.49
CA GLN A 14 13.77 17.98 4.45
C GLN A 14 12.95 16.76 4.89
N LEU A 15 12.63 15.92 3.91
CA LEU A 15 11.74 14.78 4.15
C LEU A 15 12.46 13.45 4.24
N PHE A 16 13.75 13.42 3.92
CA PHE A 16 14.47 12.15 3.87
C PHE A 16 15.95 12.38 4.05
N CYS A 17 16.62 11.47 4.77
N CYS A 17 16.62 11.47 4.76
CA CYS A 17 18.05 11.56 5.03
CA CYS A 17 18.07 11.49 4.83
C CYS A 17 18.55 10.20 5.52
C CYS A 17 18.54 10.19 5.46
N MET A 18 19.77 9.83 5.14
CA MET A 18 20.44 8.67 5.66
C MET A 18 21.53 9.11 6.63
N VAL A 19 21.53 8.56 7.84
CA VAL A 19 22.45 8.98 8.89
C VAL A 19 23.41 7.82 9.19
N GLN A 20 24.69 8.07 8.95
CA GLN A 20 25.72 7.10 9.25
C GLN A 20 25.93 6.96 10.75
N LEU A 21 25.84 5.74 11.24
CA LEU A 21 26.02 5.48 12.65
C LEU A 21 27.47 5.27 13.01
N GLU A 22 27.80 5.51 14.30
CA GLU A 22 29.17 5.33 14.83
C GLU A 22 29.30 4.03 15.61
N PRO A 23 30.26 3.17 15.26
CA PRO A 23 30.58 2.03 16.11
C PRO A 23 30.82 2.48 17.55
N GLY A 24 30.45 1.63 18.48
CA GLY A 24 30.53 1.94 19.89
C GLY A 24 29.26 2.55 20.48
N GLN A 25 28.44 3.20 19.66
CA GLN A 25 27.13 3.62 20.13
C GLN A 25 26.23 2.39 20.21
N SER A 26 25.33 2.41 21.20
CA SER A 26 24.48 1.24 21.40
C SER A 26 23.65 0.96 20.14
N GLU A 27 23.19 2.01 19.47
CA GLU A 27 22.33 1.83 18.30
C GLU A 27 23.06 1.04 17.20
N TYR A 28 24.33 1.37 16.94
CA TYR A 28 25.13 0.63 15.97
C TYR A 28 25.41 -0.78 16.47
N ASN A 29 25.82 -0.90 17.73
CA ASN A 29 26.29 -2.20 18.22
C ASN A 29 25.16 -3.22 18.28
N THR A 30 23.94 -2.80 18.61
CA THR A 30 22.84 -3.75 18.68
CA THR A 30 22.84 -3.75 18.67
C THR A 30 22.51 -4.31 17.29
N ILE A 31 22.54 -3.47 16.26
CA ILE A 31 22.31 -3.96 14.90
C ILE A 31 23.47 -4.86 14.49
N LYS A 32 24.69 -4.43 14.76
CA LYS A 32 25.84 -5.30 14.45
C LYS A 32 25.68 -6.67 15.11
N ASP A 33 25.34 -6.69 16.40
CA ASP A 33 25.16 -7.95 17.10
C ASP A 33 24.06 -8.80 16.48
N LYS A 34 22.94 -8.16 16.14
CA LYS A 34 21.83 -8.90 15.53
C LYS A 34 22.27 -9.52 14.22
N PHE A 35 23.07 -8.80 13.44
CA PHE A 35 23.56 -9.28 12.16
C PHE A 35 24.59 -10.39 12.35
N THR A 36 25.59 -10.15 13.20
CA THR A 36 26.68 -11.10 13.36
C THR A 36 26.24 -12.38 14.03
N ARG A 37 25.09 -12.37 14.70
CA ARG A 37 24.58 -13.58 15.34
C ARG A 37 24.53 -14.73 14.35
N THR A 38 24.18 -14.44 13.09
CA THR A 38 24.17 -15.49 12.07
C THR A 38 25.06 -15.20 10.86
N CYS A 39 25.68 -14.02 10.79
CA CYS A 39 26.53 -13.63 9.68
C CYS A 39 27.96 -13.31 10.11
N SER A 40 28.53 -14.15 10.96
CA SER A 40 29.84 -13.85 11.52
C SER A 40 30.96 -13.89 10.49
N SER A 41 30.73 -14.52 9.33
CA SER A 41 31.79 -14.60 8.33
C SER A 41 31.88 -13.34 7.45
N TYR A 42 30.89 -12.46 7.48
CA TYR A 42 30.91 -11.21 6.74
C TYR A 42 31.42 -10.10 7.64
N ALA A 43 31.69 -8.95 7.02
CA ALA A 43 32.16 -7.79 7.76
C ALA A 43 31.35 -6.57 7.34
N ILE A 44 30.94 -5.78 8.31
CA ILE A 44 30.10 -4.61 8.04
C ILE A 44 30.98 -3.43 7.64
N GLU A 45 30.64 -2.81 6.51
CA GLU A 45 31.27 -1.56 6.11
C GLU A 45 30.67 -0.38 6.86
N LYS A 46 29.34 -0.27 6.85
CA LYS A 46 28.69 0.84 7.54
C LYS A 46 27.22 0.46 7.78
N ILE A 47 26.62 1.18 8.72
CA ILE A 47 25.20 1.03 9.05
C ILE A 47 24.59 2.42 9.05
N GLU A 48 23.54 2.62 8.25
CA GLU A 48 22.89 3.90 8.13
C GLU A 48 21.48 3.84 8.66
N ARG A 49 21.12 4.83 9.49
CA ARG A 49 19.73 4.99 9.92
C ARG A 49 18.95 5.69 8.82
N ILE A 50 17.83 5.09 8.43
CA ILE A 50 16.97 5.63 7.39
C ILE A 50 15.91 6.50 8.05
N GLN A 51 15.93 7.80 7.76
CA GLN A 51 14.98 8.77 8.26
C GLN A 51 14.13 9.21 7.07
N ASN A 52 12.99 8.54 6.89
CA ASN A 52 12.06 8.84 5.81
C ASN A 52 10.73 9.25 6.44
N ALA A 53 10.43 10.55 6.42
CA ALA A 53 9.33 11.07 7.21
C ALA A 53 8.00 10.51 6.73
N PHE A 54 7.76 10.51 5.42
CA PHE A 54 6.48 10.08 4.92
C PHE A 54 6.30 8.57 5.12
N LEU A 55 7.34 7.76 4.85
CA LEU A 55 7.18 6.32 5.09
C LEU A 55 6.92 6.04 6.57
N TRP A 56 7.60 6.79 7.46
CA TRP A 56 7.41 6.57 8.88
C TRP A 56 5.97 6.88 9.28
N GLN A 57 5.44 8.00 8.80
CA GLN A 57 4.07 8.39 9.15
C GLN A 57 3.06 7.33 8.72
N SER A 58 3.15 6.89 7.46
CA SER A 58 2.18 5.91 6.95
C SER A 58 2.33 4.57 7.66
N TYR A 59 3.58 4.16 7.94
CA TYR A 59 3.80 2.95 8.70
C TYR A 59 3.24 3.06 10.11
N GLN A 60 3.48 4.18 10.79
CA GLN A 60 3.01 4.30 12.14
C GLN A 60 1.49 4.35 12.21
N VAL A 61 0.83 4.89 11.17
CA VAL A 61 -0.63 4.82 11.09
C VAL A 61 -1.09 3.36 11.03
N LYS A 62 -0.46 2.56 10.15
CA LYS A 62 -0.82 1.15 10.07
C LYS A 62 -0.54 0.41 11.37
N LYS A 63 0.54 0.75 12.07
CA LYS A 63 0.82 0.09 13.34
C LYS A 63 -0.27 0.41 14.36
N ARG A 64 -0.64 1.68 14.45
CA ARG A 64 -1.67 2.05 15.42
C ARG A 64 -2.96 1.32 15.13
N GLN A 65 -3.32 1.20 13.86
CA GLN A 65 -4.54 0.50 13.47
C GLN A 65 -4.46 -0.98 13.81
N MET A 66 -3.29 -1.60 13.59
CA MET A 66 -3.19 -3.02 13.91
C MET A 66 -3.17 -3.23 15.43
N ASP A 67 -2.53 -2.31 16.15
CA ASP A 67 -2.56 -2.39 17.62
C ASP A 67 -3.99 -2.25 18.15
N ILE A 68 -4.80 -1.38 17.54
CA ILE A 68 -6.22 -1.28 17.91
C ILE A 68 -6.94 -2.57 17.59
N LYS A 69 -6.77 -3.06 16.35
CA LYS A 69 -7.58 -4.18 15.90
C LYS A 69 -7.24 -5.46 16.64
N ASN A 70 -5.95 -5.68 16.93
CA ASN A 70 -5.55 -6.93 17.56
C ASN A 70 -5.57 -6.77 19.08
N ASP A 71 -5.55 -7.90 19.77
CA ASP A 71 -5.77 -7.91 21.22
C ASP A 71 -4.42 -7.94 21.94
N HIS A 72 -3.92 -6.75 22.27
CA HIS A 72 -2.69 -6.60 23.05
C HIS A 72 -1.56 -7.47 22.50
N LYS A 73 -1.48 -7.56 21.19
CA LYS A 73 -0.49 -8.40 20.55
C LYS A 73 0.74 -7.57 20.19
N ASN A 74 1.91 -8.17 20.38
CA ASN A 74 3.16 -7.62 19.85
C ASN A 74 3.08 -7.78 18.34
N ASN A 75 2.70 -6.70 17.64
CA ASN A 75 2.45 -6.80 16.20
C ASN A 75 3.68 -6.58 15.34
N GLU A 76 4.78 -6.11 15.93
CA GLU A 76 5.93 -5.65 15.18
C GLU A 76 7.15 -6.49 15.50
N ARG A 77 7.86 -6.89 14.47
CA ARG A 77 9.10 -7.63 14.59
C ARG A 77 10.18 -6.88 13.81
N LEU A 78 11.44 -7.07 14.20
CA LEU A 78 12.57 -6.47 13.51
C LEU A 78 13.22 -7.55 12.68
N LEU A 79 13.13 -7.42 11.35
CA LEU A 79 13.48 -8.47 10.40
C LEU A 79 14.52 -7.92 9.41
N PHE A 80 15.03 -8.81 8.56
CA PHE A 80 16.04 -8.45 7.59
C PHE A 80 15.52 -8.59 6.18
N HIS A 81 16.07 -7.78 5.27
CA HIS A 81 15.71 -7.89 3.86
C HIS A 81 16.94 -7.60 3.03
N GLY A 82 17.44 -8.60 2.32
CA GLY A 82 18.55 -8.40 1.40
C GLY A 82 18.04 -7.96 0.03
N THR A 83 18.76 -7.02 -0.59
CA THR A 83 18.38 -6.67 -1.95
C THR A 83 19.59 -6.18 -2.74
N ASP A 84 19.36 -5.95 -4.02
CA ASP A 84 20.43 -5.54 -4.91
C ASP A 84 20.62 -4.02 -4.86
N ALA A 85 21.81 -3.59 -5.30
CA ALA A 85 22.12 -2.18 -5.25
C ALA A 85 21.15 -1.34 -6.06
N ASP A 86 20.72 -1.84 -7.21
CA ASP A 86 19.81 -1.09 -8.07
C ASP A 86 18.51 -0.73 -7.35
N SER A 87 18.11 -1.51 -6.35
CA SER A 87 16.86 -1.29 -5.65
C SER A 87 16.97 -0.39 -4.43
N VAL A 88 18.18 -0.13 -3.95
CA VAL A 88 18.35 0.63 -2.71
C VAL A 88 17.76 2.04 -2.80
N PRO A 89 18.00 2.81 -3.85
CA PRO A 89 17.43 4.17 -3.87
C PRO A 89 15.90 4.18 -3.81
N TYR A 90 15.24 3.23 -4.48
CA TYR A 90 13.78 3.14 -4.43
C TYR A 90 13.29 2.74 -3.04
N VAL A 91 13.93 1.73 -2.44
CA VAL A 91 13.50 1.29 -1.12
C VAL A 91 13.69 2.41 -0.10
N ASN A 92 14.82 3.12 -0.17
CA ASN A 92 15.07 4.20 0.79
C ASN A 92 13.95 5.20 0.75
N GLN A 93 13.46 5.52 -0.45
CA GLN A 93 12.50 6.60 -0.64
C GLN A 93 11.07 6.13 -0.54
N HIS A 94 10.81 4.91 -1.01
CA HIS A 94 9.44 4.46 -1.21
C HIS A 94 9.09 3.15 -0.52
N GLY A 95 10.05 2.51 0.09
CA GLY A 95 9.78 1.31 0.85
C GLY A 95 9.71 0.07 -0.05
N PHE A 96 8.99 -0.93 0.44
CA PHE A 96 8.99 -2.24 -0.17
C PHE A 96 7.71 -2.43 -0.97
N ASN A 97 7.87 -2.67 -2.27
CA ASN A 97 6.75 -2.76 -3.20
C ASN A 97 6.59 -4.22 -3.62
N ARG A 98 5.49 -4.85 -3.21
CA ARG A 98 5.26 -6.25 -3.54
C ARG A 98 5.25 -6.48 -5.05
N SER A 99 4.94 -5.45 -5.83
CA SER A 99 4.84 -5.62 -7.27
C SER A 99 6.22 -5.84 -7.89
N CYS A 100 7.27 -5.53 -7.14
CA CYS A 100 8.66 -5.65 -7.59
C CYS A 100 9.36 -6.84 -6.95
N ALA A 101 8.69 -7.56 -6.06
CA ALA A 101 9.34 -8.62 -5.31
C ALA A 101 9.67 -9.79 -6.22
N GLY A 102 10.79 -10.44 -5.95
CA GLY A 102 11.13 -11.64 -6.67
C GLY A 102 10.42 -12.85 -6.09
N LYS A 103 10.29 -13.89 -6.91
CA LYS A 103 9.74 -15.14 -6.41
C LYS A 103 10.77 -15.78 -5.49
N ASN A 104 10.34 -16.14 -4.27
CA ASN A 104 11.27 -16.74 -3.33
C ASN A 104 11.47 -18.20 -3.71
N ALA A 105 12.66 -18.72 -3.38
CA ALA A 105 12.94 -20.12 -3.73
C ALA A 105 12.01 -21.09 -3.02
N VAL A 106 11.51 -20.71 -1.84
CA VAL A 106 10.35 -21.39 -1.24
C VAL A 106 9.26 -20.33 -1.05
N SER A 107 8.24 -20.37 -1.89
CA SER A 107 7.23 -19.34 -1.88
C SER A 107 6.10 -19.69 -0.95
N TYR A 108 5.80 -18.75 -0.04
CA TYR A 108 4.62 -18.82 0.83
C TYR A 108 3.64 -17.72 0.48
N GLY A 109 3.74 -17.17 -0.72
CA GLY A 109 2.84 -16.13 -1.17
C GLY A 109 3.57 -15.14 -2.04
N LYS A 110 2.80 -14.38 -2.81
CA LYS A 110 3.29 -13.35 -3.71
C LYS A 110 3.27 -12.02 -2.96
N GLY A 111 4.33 -11.80 -2.21
CA GLY A 111 4.46 -10.57 -1.46
C GLY A 111 5.91 -10.28 -1.16
N THR A 112 6.14 -9.29 -0.28
CA THR A 112 7.51 -8.94 0.11
C THR A 112 7.95 -9.84 1.26
N TYR A 113 9.16 -10.39 1.15
CA TYR A 113 9.71 -11.34 2.10
C TYR A 113 10.70 -10.68 3.07
N PHE A 114 10.62 -11.09 4.34
CA PHE A 114 11.51 -10.61 5.38
C PHE A 114 12.01 -11.80 6.19
N ALA A 115 13.30 -11.79 6.53
CA ALA A 115 13.93 -12.92 7.20
C ALA A 115 14.16 -12.66 8.69
N VAL A 116 14.00 -13.70 9.50
CA VAL A 116 14.34 -13.60 10.92
C VAL A 116 15.85 -13.55 11.09
N ASP A 117 16.57 -14.34 10.31
CA ASP A 117 18.03 -14.48 10.40
C ASP A 117 18.72 -13.70 9.29
N ALA A 118 19.69 -12.88 9.68
CA ALA A 118 20.46 -12.15 8.68
C ALA A 118 21.15 -13.09 7.69
N SER A 119 21.53 -14.29 8.14
CA SER A 119 22.18 -15.23 7.24
C SER A 119 21.34 -15.53 6.01
N TYR A 120 20.03 -15.52 6.15
CA TYR A 120 19.17 -15.81 5.02
C TYR A 120 19.18 -14.67 4.01
N SER A 121 19.02 -13.44 4.50
CA SER A 121 19.13 -12.30 3.62
C SER A 121 20.54 -12.10 3.08
N ALA A 122 21.54 -12.66 3.73
CA ALA A 122 22.92 -12.49 3.28
C ALA A 122 23.26 -13.34 2.05
N LYS A 123 22.37 -14.25 1.67
CA LYS A 123 22.61 -15.04 0.45
C LYS A 123 22.72 -14.13 -0.77
N ASP A 124 23.65 -14.48 -1.68
CA ASP A 124 23.85 -13.67 -2.86
C ASP A 124 22.58 -13.53 -3.69
N THR A 125 21.66 -14.48 -3.59
N THR A 125 21.66 -14.48 -3.59
CA THR A 125 20.42 -14.39 -4.35
CA THR A 125 20.42 -14.38 -4.37
C THR A 125 19.60 -13.19 -3.94
C THR A 125 19.56 -13.21 -3.93
N TYR A 126 19.73 -12.75 -2.69
CA TYR A 126 18.98 -11.58 -2.20
C TYR A 126 19.87 -10.34 -2.15
N SER A 127 20.90 -10.35 -1.31
CA SER A 127 21.85 -9.23 -1.23
C SER A 127 22.95 -9.37 -2.29
N LYS A 128 22.55 -9.16 -3.54
CA LYS A 128 23.44 -9.39 -4.65
C LYS A 128 24.65 -8.49 -4.53
N PRO A 129 25.87 -9.02 -4.58
CA PRO A 129 27.05 -8.14 -4.54
C PRO A 129 27.04 -7.19 -5.73
N ASP A 130 27.36 -5.93 -5.49
CA ASP A 130 27.45 -4.96 -6.55
C ASP A 130 28.83 -5.05 -7.22
N SER A 131 29.08 -4.18 -8.17
CA SER A 131 30.35 -4.24 -8.93
C SER A 131 31.57 -4.07 -8.04
N ASN A 132 31.41 -3.49 -6.85
CA ASN A 132 32.51 -3.30 -5.91
C ASN A 132 32.50 -4.35 -4.82
N GLY A 133 31.64 -5.36 -4.95
CA GLY A 133 31.64 -6.41 -3.95
C GLY A 133 30.83 -6.09 -2.70
N ARG A 134 30.07 -5.01 -2.71
CA ARG A 134 29.27 -4.62 -1.56
C ARG A 134 27.91 -5.29 -1.62
N LYS A 135 27.50 -5.84 -0.49
CA LYS A 135 26.17 -6.43 -0.31
C LYS A 135 25.36 -5.50 0.58
N HIS A 136 24.03 -5.50 0.39
CA HIS A 136 23.16 -4.56 1.08
C HIS A 136 21.96 -5.28 1.72
N MET A 137 21.74 -5.00 2.99
CA MET A 137 20.65 -5.63 3.74
C MET A 137 19.97 -4.58 4.59
N TYR A 138 18.64 -4.48 4.47
CA TYR A 138 17.87 -3.64 5.35
C TYR A 138 17.51 -4.37 6.63
N VAL A 139 17.43 -3.60 7.70
CA VAL A 139 16.82 -4.00 8.96
C VAL A 139 15.48 -3.27 9.02
N VAL A 140 14.40 -4.03 9.21
CA VAL A 140 13.06 -3.54 8.90
C VAL A 140 12.09 -3.77 10.06
N ARG A 141 11.32 -2.75 10.43
CA ARG A 141 10.18 -2.95 11.30
C ARG A 141 9.03 -3.46 10.43
N VAL A 142 8.52 -4.63 10.77
CA VAL A 142 7.50 -5.31 9.99
C VAL A 142 6.31 -5.60 10.87
N LEU A 143 5.12 -5.23 10.39
CA LEU A 143 3.88 -5.48 11.14
C LEU A 143 3.41 -6.89 10.80
N THR A 144 4.04 -7.88 11.47
CA THR A 144 3.67 -9.28 11.27
C THR A 144 2.31 -9.58 11.89
N GLY A 145 1.93 -8.86 12.92
CA GLY A 145 0.60 -9.06 13.51
C GLY A 145 0.31 -10.50 13.84
N VAL A 146 -0.89 -10.96 13.49
CA VAL A 146 -1.31 -12.32 13.69
C VAL A 146 -1.12 -13.03 12.36
N PHE A 147 -0.39 -14.14 12.38
CA PHE A 147 0.06 -14.79 11.14
C PHE A 147 -0.24 -16.28 11.15
N THR A 148 -0.22 -16.85 9.97
CA THR A 148 -0.42 -18.28 9.75
C THR A 148 0.55 -18.76 8.67
N LYS A 149 0.61 -20.06 8.48
CA LYS A 149 1.48 -20.60 7.43
C LYS A 149 0.93 -20.19 6.08
N GLY A 150 1.78 -19.60 5.24
CA GLY A 150 1.35 -19.14 3.95
C GLY A 150 1.31 -20.28 2.90
N ARG A 151 0.97 -19.89 1.68
CA ARG A 151 0.90 -20.80 0.53
CA ARG A 151 0.95 -20.81 0.55
C ARG A 151 1.23 -20.02 -0.71
N ALA A 152 1.82 -20.70 -1.70
CA ALA A 152 2.35 -20.00 -2.87
C ALA A 152 1.29 -19.21 -3.62
N GLY A 153 0.04 -19.65 -3.59
CA GLY A 153 -0.94 -18.95 -4.41
C GLY A 153 -1.41 -17.59 -3.85
N LEU A 154 -1.00 -17.23 -2.64
CA LEU A 154 -1.61 -16.06 -2.00
C LEU A 154 -1.16 -14.75 -2.65
N VAL A 155 -2.12 -13.84 -2.89
CA VAL A 155 -1.82 -12.46 -3.28
C VAL A 155 -2.19 -11.48 -2.16
N THR A 156 -2.91 -11.94 -1.14
CA THR A 156 -3.18 -11.25 0.11
C THR A 156 -3.11 -12.31 1.20
N PRO A 157 -3.03 -11.90 2.46
CA PRO A 157 -3.06 -12.88 3.53
C PRO A 157 -4.38 -13.60 3.51
N PRO A 158 -4.42 -14.86 3.95
CA PRO A 158 -5.69 -15.62 3.93
C PRO A 158 -6.61 -15.12 5.01
N PRO A 159 -7.89 -15.43 4.90
CA PRO A 159 -8.82 -15.09 6.00
C PRO A 159 -8.59 -16.01 7.18
N LYS A 160 -8.86 -15.48 8.38
CA LYS A 160 -8.81 -16.30 9.58
CA LYS A 160 -8.81 -16.30 9.58
C LYS A 160 -9.92 -17.35 9.58
N ASN A 161 -11.01 -17.04 8.94
CA ASN A 161 -12.24 -17.82 8.98
C ASN A 161 -12.78 -17.87 7.56
N PRO A 162 -12.94 -19.06 6.97
CA PRO A 162 -13.35 -19.13 5.57
C PRO A 162 -14.72 -18.56 5.31
N HIS A 163 -15.55 -18.43 6.34
CA HIS A 163 -16.90 -17.89 6.15
C HIS A 163 -16.95 -16.40 6.39
N ASN A 164 -15.80 -15.76 6.63
CA ASN A 164 -15.71 -14.30 6.74
C ASN A 164 -14.45 -13.91 5.94
N PRO A 165 -14.55 -13.90 4.62
CA PRO A 165 -13.34 -13.84 3.79
C PRO A 165 -12.57 -12.52 3.89
N THR A 166 -13.18 -11.47 4.46
CA THR A 166 -12.47 -10.18 4.50
C THR A 166 -11.73 -9.94 5.81
N ASP A 167 -11.87 -10.80 6.82
CA ASP A 167 -11.18 -10.63 8.10
C ASP A 167 -9.88 -11.43 8.01
N LEU A 168 -8.77 -10.74 7.73
CA LEU A 168 -7.55 -11.38 7.28
C LEU A 168 -6.50 -11.51 8.37
N PHE A 169 -5.68 -12.55 8.26
CA PHE A 169 -4.41 -12.53 8.94
C PHE A 169 -3.61 -11.33 8.50
N ASP A 170 -2.69 -10.89 9.37
CA ASP A 170 -1.88 -9.72 9.02
C ASP A 170 -0.69 -10.07 8.12
N SER A 171 -0.14 -11.26 8.25
CA SER A 171 0.99 -11.72 7.45
C SER A 171 0.97 -13.24 7.43
N VAL A 172 1.88 -13.82 6.65
CA VAL A 172 2.08 -15.26 6.68
C VAL A 172 3.55 -15.58 6.90
N THR A 173 3.80 -16.84 7.24
CA THR A 173 5.12 -17.32 7.56
C THR A 173 5.36 -18.67 6.94
N ASN A 174 6.60 -19.16 7.06
CA ASN A 174 6.89 -20.50 6.57
C ASN A 174 6.49 -21.58 7.56
N ASN A 175 6.43 -21.26 8.84
CA ASN A 175 6.25 -22.22 9.91
C ASN A 175 5.85 -21.46 11.17
N THR A 176 4.61 -21.68 11.68
CA THR A 176 4.15 -20.87 12.80
C THR A 176 4.87 -21.24 14.10
N ARG A 177 5.29 -22.50 14.22
CA ARG A 177 6.02 -22.93 15.41
C ARG A 177 7.43 -22.35 15.46
N SER A 178 8.10 -22.27 14.32
CA SER A 178 9.48 -21.78 14.22
C SER A 178 9.60 -20.85 13.03
N PRO A 179 9.03 -19.65 13.12
CA PRO A 179 9.02 -18.76 11.95
C PRO A 179 10.45 -18.33 11.62
N LYS A 180 10.78 -18.43 10.33
CA LYS A 180 12.06 -17.95 9.83
C LYS A 180 11.91 -16.92 8.71
N LEU A 181 10.72 -16.80 8.09
CA LEU A 181 10.47 -15.74 7.15
C LEU A 181 9.02 -15.28 7.28
N PHE A 182 8.78 -14.05 6.92
CA PHE A 182 7.42 -13.50 6.93
C PHE A 182 7.16 -12.82 5.60
N VAL A 183 5.92 -12.90 5.14
CA VAL A 183 5.50 -12.29 3.90
C VAL A 183 4.42 -11.28 4.21
N VAL A 184 4.54 -10.06 3.69
CA VAL A 184 3.51 -9.05 3.80
C VAL A 184 3.03 -8.65 2.42
N PHE A 185 1.75 -8.23 2.35
CA PHE A 185 1.07 -8.05 1.07
C PHE A 185 0.50 -6.64 0.90
N PHE A 186 0.82 -5.72 1.81
CA PHE A 186 0.29 -4.37 1.68
C PHE A 186 1.38 -3.34 1.84
N ASP A 187 1.16 -2.18 1.21
CA ASP A 187 2.09 -1.06 1.36
C ASP A 187 2.08 -0.53 2.80
N ASN A 188 3.22 0.00 3.19
CA ASN A 188 3.35 0.67 4.48
C ASN A 188 3.17 -0.29 5.65
N GLN A 189 3.38 -1.58 5.43
CA GLN A 189 3.38 -2.57 6.49
C GLN A 189 4.80 -2.88 6.98
N ALA A 190 5.79 -2.23 6.37
CA ALA A 190 7.20 -2.50 6.71
C ALA A 190 7.93 -1.18 6.54
N TYR A 191 8.71 -0.80 7.55
CA TYR A 191 9.48 0.45 7.51
C TYR A 191 10.97 0.12 7.43
N PRO A 192 11.66 0.47 6.35
CA PRO A 192 13.12 0.21 6.27
C PRO A 192 13.82 1.14 7.25
N GLU A 193 14.35 0.60 8.34
CA GLU A 193 14.90 1.43 9.39
C GLU A 193 16.43 1.61 9.30
N TYR A 194 17.16 0.57 8.93
CA TYR A 194 18.62 0.64 8.81
C TYR A 194 19.02 -0.05 7.52
N LEU A 195 20.07 0.49 6.87
CA LEU A 195 20.73 -0.16 5.76
C LEU A 195 22.12 -0.59 6.18
N ILE A 196 22.38 -1.90 6.10
CA ILE A 196 23.70 -2.45 6.38
C ILE A 196 24.40 -2.67 5.04
N THR A 197 25.56 -2.06 4.87
CA THR A 197 26.45 -2.33 3.73
C THR A 197 27.58 -3.19 4.26
N PHE A 198 27.83 -4.33 3.58
CA PHE A 198 28.78 -5.30 4.10
C PHE A 198 29.48 -6.01 2.95
N THR A 199 30.59 -6.68 3.30
CA THR A 199 31.42 -7.34 2.32
C THR A 199 31.87 -8.67 2.89
N ALA A 200 32.40 -9.54 2.02
CA ALA A 200 33.01 -10.80 2.50
C ALA A 200 34.38 -10.50 3.09
N ASN B 3 -10.86 14.16 12.92
CA ASN B 3 -10.47 13.04 12.07
C ASN B 3 -11.59 12.70 11.07
N LEU B 4 -12.64 12.06 11.57
CA LEU B 4 -13.69 11.54 10.68
C LEU B 4 -14.57 12.68 10.16
N PRO B 5 -15.02 12.61 8.90
CA PRO B 5 -15.76 13.72 8.31
C PRO B 5 -17.05 14.02 9.05
N GLU B 6 -17.50 15.27 8.88
CA GLU B 6 -18.68 15.74 9.60
C GLU B 6 -19.95 15.11 9.05
N HIS B 7 -20.03 14.93 7.73
CA HIS B 7 -21.24 14.39 7.11
C HIS B 7 -21.44 12.90 7.37
N TRP B 8 -20.43 12.21 7.89
CA TRP B 8 -20.66 10.87 8.39
C TRP B 8 -21.65 10.91 9.55
N THR B 9 -22.28 9.78 9.80
CA THR B 9 -23.20 9.64 10.91
C THR B 9 -22.57 8.76 11.98
N ASP B 10 -23.14 8.82 13.18
CA ASP B 10 -22.54 8.15 14.33
C ASP B 10 -22.45 6.64 14.09
N MET B 11 -21.39 6.04 14.61
CA MET B 11 -21.13 4.62 14.42
C MET B 11 -21.08 3.85 15.73
N ASN B 12 -21.58 4.42 16.82
CA ASN B 12 -21.62 3.74 18.11
C ASN B 12 -20.24 3.20 18.46
N HIS B 13 -19.23 4.03 18.25
CA HIS B 13 -17.85 3.74 18.61
C HIS B 13 -17.25 2.63 17.77
N GLN B 14 -17.88 2.26 16.66
CA GLN B 14 -17.31 1.29 15.73
C GLN B 14 -16.52 2.01 14.64
N LEU B 15 -15.77 1.22 13.86
CA LEU B 15 -14.83 1.77 12.90
C LEU B 15 -15.21 1.57 11.45
N PHE B 16 -16.24 0.77 11.17
CA PHE B 16 -16.70 0.53 9.81
C PHE B 16 -18.22 0.45 9.79
N CYS B 17 -18.82 1.16 8.84
CA CYS B 17 -20.27 1.08 8.66
C CYS B 17 -20.57 1.47 7.21
N MET B 18 -21.50 0.75 6.60
CA MET B 18 -22.13 1.14 5.33
C MET B 18 -23.48 1.77 5.64
N VAL B 19 -23.68 3.01 5.24
CA VAL B 19 -24.87 3.79 5.59
C VAL B 19 -25.66 4.05 4.31
N GLN B 20 -26.86 3.49 4.22
CA GLN B 20 -27.68 3.72 3.04
C GLN B 20 -28.19 5.14 3.09
N LEU B 21 -28.05 5.85 1.97
CA LEU B 21 -28.48 7.24 1.90
C LEU B 21 -30.00 7.34 1.69
N GLU B 22 -30.56 8.40 2.24
CA GLU B 22 -31.99 8.70 2.10
C GLU B 22 -32.22 9.35 0.74
N PRO B 23 -33.04 8.76 -0.12
CA PRO B 23 -33.31 9.39 -1.42
C PRO B 23 -34.00 10.74 -1.24
N GLY B 24 -33.63 11.68 -2.12
CA GLY B 24 -34.20 13.01 -2.11
C GLY B 24 -33.47 14.02 -1.23
N GLN B 25 -32.59 13.56 -0.35
CA GLN B 25 -31.80 14.50 0.45
C GLN B 25 -30.54 14.90 -0.32
N SER B 26 -29.92 15.98 0.15
CA SER B 26 -28.90 16.66 -0.64
C SER B 26 -27.75 15.71 -1.03
N GLU B 27 -27.27 14.92 -0.09
CA GLU B 27 -26.10 14.07 -0.33
C GLU B 27 -26.43 13.02 -1.39
N TYR B 28 -27.58 12.36 -1.23
CA TYR B 28 -28.02 11.37 -2.23
C TYR B 28 -28.17 12.03 -3.60
N ASN B 29 -28.79 13.21 -3.65
CA ASN B 29 -28.98 13.89 -4.93
C ASN B 29 -27.64 14.23 -5.59
N THR B 30 -26.67 14.68 -4.80
CA THR B 30 -25.37 15.05 -5.35
C THR B 30 -24.70 13.84 -5.99
N ILE B 31 -24.67 12.71 -5.30
CA ILE B 31 -24.01 11.54 -5.85
C ILE B 31 -24.78 10.99 -7.04
N LYS B 32 -26.12 10.94 -6.91
CA LYS B 32 -26.94 10.47 -8.03
C LYS B 32 -26.68 11.30 -9.29
N ASP B 33 -26.58 12.62 -9.14
N ASP B 33 -26.61 12.62 -9.14
CA ASP B 33 -26.37 13.48 -10.30
CA ASP B 33 -26.37 13.50 -10.29
C ASP B 33 -25.04 13.18 -10.99
C ASP B 33 -25.05 13.16 -10.98
N LYS B 34 -23.99 12.89 -10.21
CA LYS B 34 -22.70 12.59 -10.84
C LYS B 34 -22.77 11.31 -11.65
N PHE B 35 -23.57 10.34 -11.20
CA PHE B 35 -23.78 9.09 -11.92
C PHE B 35 -24.66 9.33 -13.14
N THR B 36 -25.81 10.01 -12.95
CA THR B 36 -26.78 10.12 -14.04
C THR B 36 -26.31 11.08 -15.13
N ARG B 37 -25.24 11.85 -14.90
N ARG B 37 -25.26 11.87 -14.88
CA ARG B 37 -24.71 12.70 -15.96
CA ARG B 37 -24.70 12.69 -15.96
C ARG B 37 -24.33 11.89 -17.19
C ARG B 37 -24.41 11.86 -17.20
N THR B 38 -23.93 10.63 -17.02
CA THR B 38 -23.63 9.78 -18.15
C THR B 38 -24.34 8.43 -18.10
N CYS B 39 -25.06 8.12 -16.99
CA CYS B 39 -25.72 6.84 -16.84
C CYS B 39 -27.20 7.00 -16.56
N SER B 40 -27.85 7.95 -17.24
CA SER B 40 -29.26 8.23 -16.94
C SER B 40 -30.20 7.13 -17.35
N SER B 41 -29.77 6.20 -18.22
CA SER B 41 -30.65 5.13 -18.64
C SER B 41 -30.66 3.97 -17.66
N TYR B 42 -29.85 4.02 -16.61
CA TYR B 42 -29.80 2.94 -15.64
C TYR B 42 -30.83 3.22 -14.54
N ALA B 43 -30.99 2.27 -13.64
CA ALA B 43 -31.91 2.38 -12.52
C ALA B 43 -31.13 2.20 -11.22
N ILE B 44 -31.14 3.24 -10.38
CA ILE B 44 -30.44 3.19 -9.09
C ILE B 44 -31.34 2.49 -8.06
N GLU B 45 -30.83 1.44 -7.44
CA GLU B 45 -31.54 0.75 -6.37
C GLU B 45 -31.23 1.38 -5.03
N LYS B 46 -29.96 1.68 -4.76
CA LYS B 46 -29.61 2.37 -3.53
C LYS B 46 -28.20 2.96 -3.68
N ILE B 47 -27.91 3.92 -2.83
CA ILE B 47 -26.57 4.48 -2.70
C ILE B 47 -26.20 4.39 -1.22
N GLU B 48 -25.01 3.89 -0.96
CA GLU B 48 -24.51 3.75 0.40
C GLU B 48 -23.26 4.58 0.60
N ARG B 49 -23.15 5.21 1.77
CA ARG B 49 -21.96 5.93 2.17
C ARG B 49 -21.04 4.94 2.88
N ILE B 50 -19.78 4.89 2.46
CA ILE B 50 -18.80 3.99 3.05
C ILE B 50 -18.06 4.76 4.15
N GLN B 51 -18.22 4.31 5.40
CA GLN B 51 -17.58 4.92 6.56
C GLN B 51 -16.57 3.92 7.09
N ASN B 52 -15.35 4.00 6.56
CA ASN B 52 -14.27 3.08 6.95
C ASN B 52 -13.18 3.96 7.56
N ALA B 53 -13.10 3.97 8.89
CA ALA B 53 -12.19 4.91 9.56
C ALA B 53 -10.73 4.66 9.21
N PHE B 54 -10.32 3.38 9.18
CA PHE B 54 -8.92 3.07 8.92
C PHE B 54 -8.52 3.51 7.52
N LEU B 55 -9.33 3.18 6.52
CA LEU B 55 -9.03 3.56 5.16
C LEU B 55 -8.99 5.06 5.01
N TRP B 56 -9.92 5.76 5.66
CA TRP B 56 -9.97 7.20 5.57
C TRP B 56 -8.70 7.79 6.17
N GLN B 57 -8.31 7.29 7.35
CA GLN B 57 -7.10 7.83 7.99
C GLN B 57 -5.88 7.66 7.09
N SER B 58 -5.65 6.44 6.56
CA SER B 58 -4.48 6.20 5.72
C SER B 58 -4.52 7.04 4.45
N TYR B 59 -5.71 7.19 3.86
CA TYR B 59 -5.88 8.04 2.69
C TYR B 59 -5.58 9.52 2.99
N GLN B 60 -6.09 10.02 4.13
CA GLN B 60 -5.87 11.44 4.44
C GLN B 60 -4.40 11.73 4.73
N VAL B 61 -3.70 10.76 5.32
CA VAL B 61 -2.27 10.91 5.51
C VAL B 61 -1.58 11.04 4.16
N LYS B 62 -1.93 10.17 3.23
CA LYS B 62 -1.32 10.25 1.90
C LYS B 62 -1.69 11.56 1.20
N LYS B 63 -2.92 12.03 1.39
CA LYS B 63 -3.30 13.30 0.80
C LYS B 63 -2.45 14.45 1.35
N ARG B 64 -2.31 14.49 2.68
CA ARG B 64 -1.48 15.53 3.29
C ARG B 64 -0.05 15.49 2.76
N GLN B 65 0.50 14.29 2.59
CA GLN B 65 1.84 14.15 2.06
C GLN B 65 1.92 14.64 0.62
N MET B 66 0.92 14.28 -0.20
CA MET B 66 0.94 14.69 -1.60
C MET B 66 0.77 16.19 -1.72
N ASP B 67 -0.05 16.80 -0.86
CA ASP B 67 -0.20 18.25 -0.89
C ASP B 67 1.13 18.94 -0.56
N ILE B 68 1.92 18.36 0.35
CA ILE B 68 3.26 18.90 0.64
C ILE B 68 4.21 18.67 -0.53
N LYS B 69 4.29 17.44 -1.01
N LYS B 69 4.28 17.44 -1.02
CA LYS B 69 5.21 17.10 -2.09
CA LYS B 69 5.22 17.11 -2.10
C LYS B 69 4.99 17.99 -3.32
C LYS B 69 4.99 17.99 -3.32
N ASN B 70 3.74 18.12 -3.75
CA ASN B 70 3.43 18.85 -4.97
C ASN B 70 3.29 20.35 -4.74
N ASP B 71 3.43 20.84 -3.51
CA ASP B 71 3.38 22.27 -3.20
C ASP B 71 2.04 22.89 -3.58
N HIS B 72 1.03 22.07 -3.80
CA HIS B 72 -0.30 22.54 -4.17
C HIS B 72 -1.30 21.54 -3.62
N LYS B 73 -2.58 21.92 -3.67
CA LYS B 73 -3.65 21.12 -3.07
C LYS B 73 -4.74 20.81 -4.08
N ASN B 74 -4.36 20.58 -5.34
CA ASN B 74 -5.33 20.15 -6.34
C ASN B 74 -5.04 18.71 -6.76
N ASN B 75 -4.82 17.82 -5.79
CA ASN B 75 -4.35 16.48 -6.07
C ASN B 75 -5.44 15.43 -6.11
N GLU B 76 -6.67 15.81 -5.77
CA GLU B 76 -7.79 14.88 -5.59
C GLU B 76 -8.81 15.03 -6.71
N ARG B 77 -9.36 13.89 -7.14
CA ARG B 77 -10.43 13.84 -8.12
C ARG B 77 -11.45 12.81 -7.66
N LEU B 78 -12.72 13.02 -8.05
CA LEU B 78 -13.77 12.07 -7.76
C LEU B 78 -14.00 11.22 -9.01
N LEU B 79 -13.72 9.94 -8.92
CA LEU B 79 -13.75 9.05 -10.06
C LEU B 79 -14.66 7.85 -9.74
N PHE B 80 -14.83 6.96 -10.73
CA PHE B 80 -15.71 5.83 -10.60
C PHE B 80 -14.92 4.54 -10.75
N HIS B 81 -15.40 3.49 -10.10
CA HIS B 81 -14.81 2.17 -10.23
C HIS B 81 -15.92 1.14 -10.22
N GLY B 82 -16.11 0.46 -11.34
CA GLY B 82 -17.08 -0.65 -11.41
C GLY B 82 -16.36 -1.95 -11.10
N THR B 83 -17.02 -2.82 -10.33
CA THR B 83 -16.42 -4.12 -10.06
C THR B 83 -17.52 -5.15 -9.85
N ASP B 84 -17.11 -6.40 -9.69
CA ASP B 84 -18.09 -7.47 -9.53
C ASP B 84 -18.52 -7.58 -8.06
N ALA B 85 -19.67 -8.21 -7.87
CA ALA B 85 -20.23 -8.33 -6.54
C ALA B 85 -19.29 -9.05 -5.58
N ASP B 86 -18.50 -10.00 -6.10
CA ASP B 86 -17.61 -10.77 -5.23
C ASP B 86 -16.51 -9.92 -4.62
N SER B 87 -16.18 -8.78 -5.24
CA SER B 87 -15.13 -7.91 -4.76
C SER B 87 -15.63 -6.82 -3.81
N VAL B 88 -16.96 -6.60 -3.73
CA VAL B 88 -17.49 -5.48 -2.97
C VAL B 88 -17.14 -5.58 -1.49
N PRO B 89 -17.33 -6.71 -0.80
CA PRO B 89 -16.99 -6.73 0.64
C PRO B 89 -15.52 -6.38 0.89
N TYR B 90 -14.62 -6.87 0.05
CA TYR B 90 -13.20 -6.56 0.20
C TYR B 90 -12.94 -5.06 0.06
N VAL B 91 -13.48 -4.44 -1.00
CA VAL B 91 -13.25 -3.03 -1.22
C VAL B 91 -13.79 -2.22 -0.05
N ASN B 92 -15.01 -2.52 0.40
CA ASN B 92 -15.56 -1.75 1.51
C ASN B 92 -14.63 -1.76 2.70
N GLN B 93 -13.98 -2.90 2.97
CA GLN B 93 -13.15 -3.08 4.16
C GLN B 93 -11.70 -2.71 3.93
N HIS B 94 -11.20 -2.98 2.75
CA HIS B 94 -9.75 -2.90 2.48
C HIS B 94 -9.38 -1.97 1.36
N GLY B 95 -10.35 -1.42 0.63
CA GLY B 95 -10.02 -0.50 -0.44
C GLY B 95 -9.59 -1.23 -1.70
N PHE B 96 -8.80 -0.54 -2.50
CA PHE B 96 -8.46 -0.99 -3.84
C PHE B 96 -7.03 -1.52 -3.84
N ASN B 97 -6.89 -2.74 -4.29
CA ASN B 97 -5.65 -3.52 -4.22
C ASN B 97 -5.24 -3.92 -5.63
N ARG B 98 -4.10 -3.37 -6.07
CA ARG B 98 -3.63 -3.65 -7.43
C ARG B 98 -3.31 -5.11 -7.65
N SER B 99 -3.09 -5.88 -6.60
CA SER B 99 -2.76 -7.29 -6.74
C SER B 99 -3.98 -8.13 -7.07
N CYS B 100 -5.19 -7.55 -7.03
CA CYS B 100 -6.40 -8.28 -7.41
C CYS B 100 -6.81 -8.03 -8.86
N ALA B 101 -6.02 -7.27 -9.61
CA ALA B 101 -6.33 -6.97 -11.00
C ALA B 101 -6.43 -8.23 -11.84
N ALA B 105 -6.60 -5.51 -19.49
CA ALA B 105 -6.93 -5.37 -18.07
C ALA B 105 -5.99 -4.36 -17.39
N VAL B 106 -4.79 -4.22 -17.94
CA VAL B 106 -3.75 -3.38 -17.34
C VAL B 106 -2.92 -2.71 -18.44
N SER B 107 -3.62 -2.23 -19.48
CA SER B 107 -2.96 -1.66 -20.64
C SER B 107 -2.16 -0.42 -20.31
N TYR B 108 -2.47 0.31 -19.23
CA TYR B 108 -1.74 1.51 -18.90
C TYR B 108 -0.91 1.32 -17.63
N GLY B 109 -0.76 0.07 -17.18
CA GLY B 109 0.03 -0.20 -15.98
C GLY B 109 -0.67 -1.16 -15.03
N LYS B 110 0.09 -1.78 -14.13
CA LYS B 110 -0.45 -2.76 -13.19
C LYS B 110 -0.83 -2.03 -11.92
N GLY B 111 -1.98 -1.36 -11.97
CA GLY B 111 -2.53 -0.66 -10.82
C GLY B 111 -4.04 -0.80 -10.80
N THR B 112 -4.72 0.04 -10.04
CA THR B 112 -6.18 0.07 -10.00
C THR B 112 -6.65 1.19 -10.92
N TYR B 113 -7.67 0.91 -11.70
CA TYR B 113 -8.20 1.78 -12.71
C TYR B 113 -9.48 2.48 -12.24
N PHE B 114 -9.57 3.76 -12.53
CA PHE B 114 -10.71 4.60 -12.18
C PHE B 114 -11.13 5.43 -13.38
N ALA B 115 -12.45 5.56 -13.56
CA ALA B 115 -13.01 6.21 -14.74
C ALA B 115 -13.50 7.60 -14.43
N VAL B 116 -13.23 8.53 -15.35
CA VAL B 116 -13.81 9.87 -15.23
C VAL B 116 -15.33 9.81 -15.35
N ASP B 117 -15.83 9.04 -16.30
CA ASP B 117 -17.28 8.92 -16.54
C ASP B 117 -17.86 7.64 -15.98
N ALA B 118 -19.00 7.75 -15.32
CA ALA B 118 -19.62 6.56 -14.75
C ALA B 118 -19.97 5.56 -15.86
N SER B 119 -20.27 6.06 -17.05
CA SER B 119 -20.66 5.16 -18.14
C SER B 119 -19.54 4.19 -18.51
N TYR B 120 -18.27 4.59 -18.31
CA TYR B 120 -17.17 3.67 -18.58
C TYR B 120 -17.13 2.56 -17.54
N SER B 121 -17.27 2.92 -16.27
CA SER B 121 -17.31 1.91 -15.22
C SER B 121 -18.58 1.06 -15.29
N ALA B 122 -19.60 1.54 -16.01
CA ALA B 122 -20.86 0.80 -16.10
C ALA B 122 -20.80 -0.35 -17.12
N LYS B 123 -19.72 -0.48 -17.88
CA LYS B 123 -19.58 -1.62 -18.76
C LYS B 123 -19.67 -2.93 -18.00
N ASP B 124 -20.30 -3.94 -18.62
CA ASP B 124 -20.49 -5.22 -17.96
C ASP B 124 -19.16 -5.92 -17.67
N THR B 125 -18.10 -5.61 -18.42
CA THR B 125 -16.78 -6.19 -18.12
C THR B 125 -16.21 -5.69 -16.81
N TYR B 126 -16.69 -4.55 -16.30
CA TYR B 126 -16.20 -3.97 -15.04
C TYR B 126 -17.23 -4.18 -13.94
N SER B 127 -18.38 -3.51 -14.02
CA SER B 127 -19.46 -3.72 -13.04
C SER B 127 -20.28 -4.92 -13.49
N LYS B 128 -19.68 -6.10 -13.35
CA LYS B 128 -20.31 -7.32 -13.84
C LYS B 128 -21.67 -7.53 -13.19
N PRO B 129 -22.74 -7.74 -13.95
CA PRO B 129 -24.03 -8.03 -13.34
C PRO B 129 -23.97 -9.33 -12.55
N ASP B 130 -24.58 -9.33 -11.36
CA ASP B 130 -24.58 -10.51 -10.52
C ASP B 130 -25.76 -11.40 -10.89
N SER B 131 -25.92 -12.51 -10.17
CA SER B 131 -26.96 -13.47 -10.49
C SER B 131 -28.35 -12.87 -10.47
N ASN B 132 -28.53 -11.66 -9.95
CA ASN B 132 -29.81 -10.97 -9.94
C ASN B 132 -29.85 -9.77 -10.88
N GLY B 133 -28.81 -9.58 -11.69
CA GLY B 133 -28.73 -8.45 -12.59
C GLY B 133 -28.25 -7.16 -11.95
N ARG B 134 -27.89 -7.19 -10.68
CA ARG B 134 -27.45 -5.99 -10.00
C ARG B 134 -25.99 -5.68 -10.37
N LYS B 135 -25.71 -4.41 -10.60
CA LYS B 135 -24.37 -3.91 -10.90
C LYS B 135 -23.93 -3.01 -9.76
N HIS B 136 -22.60 -2.94 -9.56
CA HIS B 136 -22.00 -2.22 -8.44
C HIS B 136 -20.90 -1.29 -8.94
N MET B 137 -20.96 -0.03 -8.49
CA MET B 137 -19.99 0.97 -8.90
C MET B 137 -19.69 1.85 -7.69
N TYR B 138 -18.40 2.06 -7.43
CA TYR B 138 -18.00 2.97 -6.38
C TYR B 138 -17.79 4.37 -6.95
N VAL B 139 -18.05 5.36 -6.10
CA VAL B 139 -17.57 6.72 -6.28
C VAL B 139 -16.40 6.89 -5.33
N VAL B 140 -15.24 7.31 -5.86
CA VAL B 140 -13.95 7.15 -5.22
C VAL B 140 -13.23 8.48 -5.18
N ARG B 141 -12.67 8.81 -4.02
CA ARG B 141 -11.71 9.90 -3.92
C ARG B 141 -10.35 9.37 -4.31
N VAL B 142 -9.74 9.94 -5.34
CA VAL B 142 -8.47 9.42 -5.88
C VAL B 142 -7.43 10.53 -5.89
N LEU B 143 -6.26 10.23 -5.34
CA LEU B 143 -5.14 11.18 -5.34
C LEU B 143 -4.40 11.01 -6.65
N THR B 144 -4.96 11.63 -7.70
CA THR B 144 -4.33 11.57 -9.01
C THR B 144 -3.07 12.43 -9.08
N GLY B 145 -3.02 13.51 -8.31
CA GLY B 145 -1.86 14.37 -8.27
C GLY B 145 -1.40 14.82 -9.63
N VAL B 146 -0.08 14.75 -9.84
CA VAL B 146 0.55 15.07 -11.10
C VAL B 146 0.64 13.77 -11.89
N PHE B 147 0.12 13.77 -13.11
CA PHE B 147 0.02 12.54 -13.88
C PHE B 147 0.68 12.68 -15.25
N THR B 148 0.97 11.52 -15.85
CA THR B 148 1.53 11.43 -17.19
C THR B 148 0.86 10.27 -17.90
N LYS B 149 1.17 10.11 -19.18
CA LYS B 149 0.60 9.00 -19.93
C LYS B 149 1.18 7.66 -19.50
N GLY B 150 0.31 6.67 -19.32
CA GLY B 150 0.72 5.35 -18.93
C GLY B 150 1.09 4.48 -20.12
N ARG B 151 1.47 3.25 -19.81
CA ARG B 151 1.83 2.27 -20.83
CA ARG B 151 1.86 2.27 -20.83
C ARG B 151 1.85 0.89 -20.18
N ALA B 152 1.76 -0.14 -21.03
CA ALA B 152 1.65 -1.49 -20.52
C ALA B 152 2.90 -1.87 -19.75
N GLY B 153 2.71 -2.60 -18.65
CA GLY B 153 3.80 -3.14 -17.89
C GLY B 153 4.34 -2.28 -16.75
N LEU B 154 3.92 -1.02 -16.64
CA LEU B 154 4.32 -0.21 -15.49
C LEU B 154 3.89 -0.88 -14.19
N VAL B 155 4.79 -0.86 -13.21
CA VAL B 155 4.46 -1.28 -11.84
C VAL B 155 4.37 -0.09 -10.88
N THR B 156 4.91 1.06 -11.24
CA THR B 156 4.77 2.33 -10.54
C THR B 156 4.68 3.40 -11.62
N PRO B 157 4.25 4.62 -11.29
CA PRO B 157 4.27 5.67 -12.30
C PRO B 157 5.69 5.94 -12.74
N PRO B 158 5.90 6.47 -13.95
CA PRO B 158 7.23 6.83 -14.40
C PRO B 158 7.84 7.93 -13.55
N PRO B 159 9.16 8.09 -13.60
CA PRO B 159 9.77 9.25 -12.94
C PRO B 159 9.46 10.55 -13.69
N LYS B 160 9.34 11.63 -12.93
CA LYS B 160 9.18 12.93 -13.55
C LYS B 160 10.40 13.31 -14.40
N ASN B 161 11.59 12.87 -13.99
CA ASN B 161 12.81 13.19 -14.69
C ASN B 161 13.75 12.00 -14.57
N PRO B 162 14.25 11.46 -15.68
CA PRO B 162 15.21 10.35 -15.59
C PRO B 162 16.44 10.67 -14.75
N HIS B 163 16.72 11.94 -14.47
CA HIS B 163 17.87 12.30 -13.63
C HIS B 163 17.61 12.03 -12.16
N ASN B 164 16.35 11.96 -11.73
CA ASN B 164 15.97 11.59 -10.36
C ASN B 164 14.94 10.46 -10.47
N PRO B 165 15.39 9.23 -10.69
CA PRO B 165 14.44 8.15 -11.01
C PRO B 165 13.47 7.83 -9.89
N THR B 166 13.67 8.37 -8.67
CA THR B 166 12.79 8.04 -7.55
C THR B 166 11.70 9.07 -7.31
N ASP B 167 11.78 10.24 -7.93
CA ASP B 167 10.76 11.27 -7.83
C ASP B 167 9.70 10.99 -8.90
N LEU B 168 8.55 10.44 -8.50
CA LEU B 168 7.63 9.83 -9.44
C LEU B 168 6.39 10.70 -9.66
N PHE B 169 5.80 10.57 -10.84
CA PHE B 169 4.43 11.02 -11.02
C PHE B 169 3.55 10.29 -10.01
N ASP B 170 2.39 10.88 -9.74
CA ASP B 170 1.46 10.29 -8.75
C ASP B 170 0.50 9.26 -9.36
N SER B 171 0.18 9.39 -10.65
CA SER B 171 -0.70 8.46 -11.32
C SER B 171 -0.40 8.55 -12.81
N VAL B 172 -1.01 7.66 -13.58
CA VAL B 172 -0.95 7.74 -15.04
C VAL B 172 -2.35 7.77 -15.60
N THR B 173 -2.46 8.12 -16.88
CA THR B 173 -3.74 8.22 -17.56
C THR B 173 -3.58 7.73 -19.00
N ASN B 174 -4.72 7.63 -19.68
CA ASN B 174 -4.67 7.27 -21.11
C ASN B 174 -4.32 8.45 -21.99
N ASN B 175 -4.59 9.66 -21.52
CA ASN B 175 -4.50 10.87 -22.34
C ASN B 175 -4.41 12.06 -21.39
N THR B 176 -3.25 12.72 -21.37
CA THR B 176 -3.00 13.79 -20.40
C THR B 176 -3.82 15.03 -20.69
N ARG B 177 -4.13 15.29 -21.96
CA ARG B 177 -4.88 16.49 -22.32
C ARG B 177 -6.36 16.34 -21.99
N SER B 178 -6.92 15.15 -22.14
CA SER B 178 -8.33 14.89 -21.92
C SER B 178 -8.46 13.50 -21.33
N PRO B 179 -8.12 13.35 -20.05
CA PRO B 179 -8.12 12.02 -19.45
C PRO B 179 -9.53 11.43 -19.30
N LYS B 180 -9.62 10.14 -19.52
CA LYS B 180 -10.84 9.40 -19.23
C LYS B 180 -10.65 8.28 -18.21
N LEU B 181 -9.41 7.87 -17.94
CA LEU B 181 -9.13 6.90 -16.89
C LEU B 181 -7.83 7.28 -16.20
N PHE B 182 -7.74 6.93 -14.93
CA PHE B 182 -6.54 7.10 -14.13
C PHE B 182 -6.17 5.77 -13.49
N VAL B 183 -4.87 5.52 -13.38
CA VAL B 183 -4.34 4.34 -12.73
C VAL B 183 -3.47 4.79 -11.57
N VAL B 184 -3.71 4.23 -10.38
CA VAL B 184 -2.87 4.47 -9.21
C VAL B 184 -2.28 3.14 -8.77
N PHE B 185 -1.05 3.21 -8.23
CA PHE B 185 -0.21 2.05 -8.05
C PHE B 185 0.12 1.77 -6.59
N PHE B 186 -0.50 2.48 -5.67
CA PHE B 186 -0.25 2.29 -4.25
C PHE B 186 -1.53 2.22 -3.46
N ASP B 187 -1.48 1.43 -2.38
CA ASP B 187 -2.60 1.33 -1.50
C ASP B 187 -2.89 2.71 -0.89
N ASN B 188 -4.15 2.95 -0.57
CA ASN B 188 -4.51 4.17 0.17
C ASN B 188 -4.23 5.45 -0.64
N GLN B 189 -4.09 5.32 -1.97
CA GLN B 189 -4.23 6.46 -2.83
C GLN B 189 -5.66 6.66 -3.32
N ALA B 190 -6.62 5.85 -2.82
CA ALA B 190 -8.00 5.93 -3.27
C ALA B 190 -8.86 5.56 -2.08
N TYR B 191 -9.91 6.34 -1.84
CA TYR B 191 -10.85 6.05 -0.75
C TYR B 191 -12.21 5.78 -1.36
N PRO B 192 -12.79 4.58 -1.17
CA PRO B 192 -14.13 4.31 -1.72
C PRO B 192 -15.16 5.03 -0.86
N GLU B 193 -15.83 6.03 -1.44
CA GLU B 193 -16.69 6.91 -0.62
C GLU B 193 -18.15 6.53 -0.69
N TYR B 194 -18.65 6.19 -1.87
CA TYR B 194 -20.02 5.71 -2.04
C TYR B 194 -20.04 4.47 -2.90
N LEU B 195 -21.02 3.60 -2.64
CA LEU B 195 -21.30 2.41 -3.43
C LEU B 195 -22.69 2.57 -4.03
N ILE B 196 -22.76 2.53 -5.36
CA ILE B 196 -24.02 2.62 -6.09
C ILE B 196 -24.38 1.22 -6.55
N THR B 197 -25.58 0.77 -6.18
CA THR B 197 -26.13 -0.48 -6.69
C THR B 197 -27.22 -0.13 -7.70
N PHE B 198 -27.12 -0.68 -8.92
CA PHE B 198 -27.96 -0.23 -10.03
C PHE B 198 -28.17 -1.37 -11.01
N THR B 199 -29.11 -1.16 -11.94
CA THR B 199 -29.39 -2.13 -12.98
C THR B 199 -29.53 -1.43 -14.32
N ALA B 200 -29.42 -2.20 -15.39
CA ALA B 200 -29.45 -1.64 -16.74
C ALA B 200 -30.88 -1.36 -17.20
S DMS C . 14.93 -11.61 1.97
O DMS C . 16.20 -11.23 2.58
C1 DMS C . 14.84 -13.36 1.51
C2 DMS C . 14.64 -10.85 0.36
H11 DMS C . 14.55 -13.44 0.50
H12 DMS C . 14.14 -13.85 2.13
H13 DMS C . 15.80 -13.80 1.65
H21 DMS C . 13.72 -11.17 -0.02
H22 DMS C . 15.42 -11.12 -0.29
H23 DMS C . 14.63 -9.79 0.47
C1 MPD D . -12.00 -4.08 -6.79
C2 MPD D . -11.29 -4.55 -8.03
O2 MPD D . -12.12 -4.25 -9.19
CM MPD D . -11.09 -6.07 -7.91
C3 MPD D . -9.97 -3.79 -8.14
C4 MPD D . -9.04 -4.36 -9.21
O4 MPD D . -9.68 -4.27 -10.46
C5 MPD D . -7.69 -3.60 -9.23
H11 MPD D . -11.58 -3.13 -6.47
H12 MPD D . -11.88 -4.81 -5.99
H13 MPD D . -13.06 -3.95 -7.00
HO2 MPD D . -12.83 -3.62 -8.94
HM1 MPD D . -10.12 -6.27 -7.43
HM2 MPD D . -11.89 -6.49 -7.33
HM3 MPD D . -11.08 -6.50 -8.91
H31 MPD D . -9.46 -3.81 -7.18
H32 MPD D . -10.18 -2.75 -8.38
H4 MPD D . -8.84 -5.41 -8.97
HO4 MPD D . -9.09 -4.67 -11.15
H51 MPD D . -7.50 -3.24 -10.24
H52 MPD D . -6.89 -4.28 -8.94
H53 MPD D . -7.73 -2.77 -8.54
C10 A1H44 E . -13.23 0.33 -13.82
C11 A1H44 E . -12.36 -3.32 -13.66
C14 A1H44 E . -12.92 -3.68 -12.43
C15 A1H44 E . -12.97 -5.03 -12.07
C16 A1H44 E . -12.46 -6.01 -12.94
C17 A1H44 E . -11.92 -5.64 -14.16
C20 A1H44 E . -12.57 -8.40 -13.76
C21 A1H44 E . -11.28 -7.86 -11.70
C22 A1H44 E . -13.79 -7.74 -11.69
C01 A1H44 E . -12.40 2.13 -15.17
C02 A1H44 E . -11.56 2.56 -16.19
C03 A1H44 E . -10.73 1.67 -16.83
C04 A1H44 E . -10.71 0.35 -16.44
C05 A1H44 E . -11.56 -0.09 -15.44
C06 A1H44 E . -12.43 0.79 -14.80
C08 A1H44 E . -12.34 -1.82 -14.07
C18 A1H44 E . -11.86 -4.29 -14.54
C19 A1H44 E . -12.52 -7.52 -12.52
C23 A1H44 E . -9.22 -0.48 -18.38
C25 A1H44 E . -8.42 -1.64 -18.93
C26 A1H44 E . -6.93 -1.38 -18.89
N07 A1H44 E . -11.54 -1.38 -15.08
N09 A1H44 E . -13.17 -0.95 -13.44
N13 A1H44 E . -9.88 -0.66 -17.07
O12 A1H44 E . -14.03 1.03 -13.27
O24 A1H44 E . -9.33 0.51 -18.99
O27 A1H44 E . -6.30 -2.17 -19.88
O28 A1H44 E . -8.77 -2.77 -18.17
H141 A1H44 E . -13.30 -2.93 -11.74
H151 A1H44 E . -13.41 -5.33 -11.12
H171 A1H44 E . -11.52 -6.39 -14.82
H202 A1H44 E . -13.32 -8.02 -14.44
H201 A1H44 E . -11.60 -8.40 -14.25
H203 A1H44 E . -12.83 -9.42 -13.48
H211 A1H44 E . -10.39 -7.76 -12.31
H212 A1H44 E . -11.36 -8.89 -11.34
H213 A1H44 E . -11.22 -7.19 -10.84
H223 A1H44 E . -13.99 -8.81 -11.61
H222 A1H44 E . -13.64 -7.33 -10.69
H221 A1H44 E . -14.63 -7.25 -12.17
H011 A1H44 E . -13.04 2.84 -14.66
H021 A1H44 E . -11.58 3.60 -16.48
H031 A1H44 E . -10.09 2.00 -17.64
H181 A1H44 E . -11.43 -4.01 -15.49
H251 A1H44 E . -8.65 -1.79 -19.98
H261 A1H44 E . -6.55 -1.65 -17.90
H262 A1H44 E . -6.73 -0.33 -19.07
H091 A1H44 E . -13.74 -1.28 -12.68
H131 A1H44 E . -9.72 -1.52 -16.58
H271 A1H44 E . -6.78 -2.97 -19.99
H281 A1H44 E . -8.32 -2.73 -17.33
#